data_9OHS
#
_entry.id   9OHS
#
_cell.length_a   143.872
_cell.length_b   143.872
_cell.length_c   85.241
_cell.angle_alpha   90.000
_cell.angle_beta   90.000
_cell.angle_gamma   120.000
#
_symmetry.space_group_name_H-M   'H 3'
#
loop_
_entity.id
_entity.type
_entity.pdbx_description
1 polymer 'Alpha-ketoglutarate-dependent dioxygenase FTO'
2 non-polymer 'GALLIUM (III) ION'
3 non-polymer 'ASCORBIC ACID'
#
_entity_poly.entity_id   1
_entity_poly.type   'polypeptide(L)'
_entity_poly.pdbx_seq_one_letter_code
;MGSSHHHHHHSSGLVPRGSHMTPKDDEFYQQWQLKYPKLILREASSVSEELHKEVQEAFLTLHKHGCLFRDLVRIQGKDL
LTPVSRILIGNPGCTYKYLNTRLFTVPWPVKGSNIKHTEAEIAAACETFLKLNDYLQIETIQALEELAAKEKANEGSGSG
SGSEVDIKSRAAYNVTLLNFMDPQKMPYLKEEPYFGMGKMAVSWHHDENLVDRSAVAVYSYSCEGPEEESEDDSHLEGRD
PDIWHVGFKISWDIETPGLAIPLHQGDCYFMLDDLNATHQHCVLAGSQPRFSSTHRVAECSTGTLDYILQRCQLALQNVC
DDVDNDDVSLKSFEPAVLKQGEEIHNEVEFEWLRQFWFQGNRYRKCTDWWCQPMAQLEALWKKMEGVTNAVLHEVKREGL
PVEQRNEILTAILASLTARQNLRREWHARCQSRIARTLPADQKPECRPYWEKDDASMPLPFDLTDIVSELRGQLLEAKP
;
_entity_poly.pdbx_strand_id   A
#
loop_
_chem_comp.id
_chem_comp.type
_chem_comp.name
_chem_comp.formula
ASC L-saccharide 'ASCORBIC ACID' 'C6 H8 O6'
GA non-polymer 'GALLIUM (III) ION' 'Ga 3'
#
# COMPACT_ATOMS: atom_id res chain seq x y z
N GLY A 18 24.13 23.34 6.94
CA GLY A 18 22.93 22.90 7.64
C GLY A 18 23.15 22.75 9.14
N SER A 19 22.11 22.32 9.87
CA SER A 19 22.09 22.07 11.32
C SER A 19 20.73 21.51 11.74
N HIS A 20 20.61 21.10 13.02
CA HIS A 20 19.35 20.61 13.55
C HIS A 20 19.22 20.95 15.04
N MET A 21 18.00 20.75 15.57
CA MET A 21 17.64 21.14 16.94
C MET A 21 16.90 20.01 17.69
N THR A 22 17.14 19.94 19.02
CA THR A 22 16.49 19.00 19.94
C THR A 22 16.11 19.74 21.22
N PRO A 23 15.35 19.11 22.17
CA PRO A 23 14.92 19.83 23.39
C PRO A 23 16.06 20.32 24.28
N LYS A 24 17.30 20.08 23.86
CA LYS A 24 18.47 20.65 24.51
C LYS A 24 18.59 22.14 24.19
N ASP A 25 18.49 22.47 22.90
CA ASP A 25 18.71 23.82 22.41
C ASP A 25 17.61 24.76 22.86
N ASP A 26 18.00 26.01 23.07
CA ASP A 26 17.13 27.04 23.65
C ASP A 26 16.11 27.56 22.64
N GLU A 27 16.46 27.58 21.35
CA GLU A 27 15.59 28.05 20.27
C GLU A 27 14.74 26.94 19.68
N PHE A 28 14.82 25.73 20.24
CA PHE A 28 14.00 24.61 19.80
C PHE A 28 12.52 24.94 19.95
N TYR A 29 12.13 25.39 21.14
CA TYR A 29 10.71 25.59 21.41
C TYR A 29 10.13 26.71 20.55
N GLN A 30 10.94 27.73 20.28
CA GLN A 30 10.49 28.81 19.40
C GLN A 30 10.44 28.37 17.93
N GLN A 31 11.41 27.55 17.49
CA GLN A 31 11.36 27.07 16.11
C GLN A 31 10.16 26.17 15.89
N TRP A 32 9.83 25.36 16.89
CA TRP A 32 8.63 24.53 16.82
C TRP A 32 7.38 25.40 16.76
N GLN A 33 7.25 26.37 17.68
CA GLN A 33 6.06 27.21 17.68
C GLN A 33 5.87 27.95 16.35
N LEU A 34 6.95 28.46 15.78
CA LEU A 34 6.82 29.36 14.65
C LEU A 34 7.07 28.70 13.28
N LYS A 35 7.43 27.41 13.19
CA LYS A 35 7.69 26.82 11.88
C LYS A 35 7.26 25.35 11.75
N TYR A 36 6.77 24.74 12.82
CA TYR A 36 6.35 23.34 12.88
C TYR A 36 5.11 23.22 13.77
N PRO A 37 4.22 24.22 13.82
CA PRO A 37 3.21 24.22 14.88
C PRO A 37 2.17 23.14 14.71
N LYS A 38 1.93 22.68 13.47
CA LYS A 38 1.00 21.62 13.10
C LYS A 38 1.41 20.24 13.61
N LEU A 39 2.48 20.13 14.40
CA LEU A 39 2.94 18.87 14.96
C LEU A 39 2.73 18.88 16.47
N ILE A 40 2.23 17.76 16.97
CA ILE A 40 1.89 17.63 18.38
C ILE A 40 2.59 16.41 18.96
N LEU A 41 3.04 16.53 20.21
CA LEU A 41 3.68 15.46 20.96
C LEU A 41 2.81 15.14 22.18
N ARG A 42 2.82 13.88 22.58
CA ARG A 42 2.29 13.47 23.88
C ARG A 42 3.24 12.45 24.45
N GLU A 43 3.70 12.72 25.67
CA GLU A 43 4.55 11.77 26.42
C GLU A 43 3.64 10.59 26.80
N ALA A 44 4.24 9.45 27.13
CA ALA A 44 3.42 8.26 27.46
C ALA A 44 2.56 8.61 28.68
N SER A 45 2.90 9.70 29.36
CA SER A 45 2.19 10.04 30.59
C SER A 45 0.70 10.34 30.38
N SER A 46 0.31 10.77 29.18
CA SER A 46 -1.11 11.08 28.95
C SER A 46 -1.96 9.83 28.64
N VAL A 47 -1.37 8.64 28.56
CA VAL A 47 -2.07 7.43 28.12
C VAL A 47 -2.19 6.46 29.28
N SER A 48 -3.32 5.74 29.34
CA SER A 48 -3.60 4.73 30.36
C SER A 48 -2.39 3.83 30.60
N GLU A 49 -2.25 3.36 31.83
CA GLU A 49 -1.38 2.21 32.06
C GLU A 49 -1.84 1.02 31.21
N GLU A 50 -3.08 0.58 31.48
CA GLU A 50 -3.78 -0.51 30.79
C GLU A 50 -3.46 -0.51 29.29
N LEU A 51 -3.80 0.60 28.63
CA LEU A 51 -3.57 0.70 27.19
C LEU A 51 -2.11 0.50 26.84
N HIS A 52 -1.20 1.11 27.61
CA HIS A 52 0.23 1.06 27.27
C HIS A 52 0.73 -0.38 27.22
N LYS A 53 0.57 -1.12 28.31
CA LYS A 53 1.12 -2.47 28.30
C LYS A 53 0.30 -3.40 27.42
N GLU A 54 -1.00 -3.12 27.23
CA GLU A 54 -1.81 -3.92 26.32
C GLU A 54 -1.25 -3.86 24.90
N VAL A 55 -0.97 -2.65 24.42
CA VAL A 55 -0.44 -2.52 23.06
C VAL A 55 0.96 -3.10 22.97
N GLN A 56 1.80 -2.89 23.99
CA GLN A 56 3.13 -3.48 23.95
C GLN A 56 3.07 -5.01 23.88
N GLU A 57 2.14 -5.62 24.61
CA GLU A 57 2.00 -7.07 24.57
C GLU A 57 1.45 -7.54 23.23
N ALA A 58 0.54 -6.75 22.63
CA ALA A 58 0.06 -7.05 21.27
C ALA A 58 1.22 -7.05 20.28
N PHE A 59 1.93 -5.93 20.21
CA PHE A 59 3.19 -5.80 19.49
C PHE A 59 4.08 -7.05 19.62
N LEU A 60 4.34 -7.45 20.86
CA LEU A 60 5.35 -8.49 21.04
C LEU A 60 4.84 -9.85 20.56
N THR A 61 3.59 -10.21 20.90
CA THR A 61 3.10 -11.50 20.44
C THR A 61 3.07 -11.58 18.92
N LEU A 62 2.87 -10.45 18.23
CA LEU A 62 3.07 -10.42 16.76
C LEU A 62 4.52 -10.62 16.32
N HIS A 63 5.49 -10.11 17.08
CA HIS A 63 6.86 -10.37 16.63
C HIS A 63 7.22 -11.84 16.81
N LYS A 64 6.87 -12.45 17.95
CA LYS A 64 7.24 -13.85 18.17
C LYS A 64 6.65 -14.75 17.09
N HIS A 65 5.46 -14.43 16.59
CA HIS A 65 4.85 -15.26 15.56
C HIS A 65 5.35 -14.96 14.15
N GLY A 66 6.22 -13.96 13.98
CA GLY A 66 6.86 -13.73 12.70
C GLY A 66 5.91 -13.35 11.58
N CYS A 67 5.12 -12.31 11.81
CA CYS A 67 4.21 -11.81 10.79
C CYS A 67 4.76 -10.57 10.12
N LEU A 68 5.64 -9.87 10.80
CA LEU A 68 6.30 -8.70 10.26
C LEU A 68 7.21 -9.15 9.13
N PHE A 69 6.84 -8.77 7.92
CA PHE A 69 7.63 -9.05 6.72
C PHE A 69 8.22 -7.77 6.17
N ARG A 70 9.45 -7.86 5.72
CA ARG A 70 9.98 -6.86 4.81
C ARG A 70 9.41 -7.13 3.43
N ASP A 71 9.08 -6.07 2.70
CA ASP A 71 8.47 -6.25 1.39
C ASP A 71 9.51 -5.98 0.29
N LEU A 72 9.29 -6.62 -0.85
CA LEU A 72 10.17 -6.53 -2.01
C LEU A 72 9.53 -5.51 -2.95
N VAL A 73 10.16 -4.34 -3.08
CA VAL A 73 9.52 -3.21 -3.75
C VAL A 73 10.24 -2.87 -5.05
N ARG A 74 9.48 -2.19 -5.92
CA ARG A 74 9.96 -1.53 -7.12
C ARG A 74 9.92 -0.03 -6.89
N ILE A 75 11.05 0.64 -7.08
CA ILE A 75 11.17 2.10 -6.99
C ILE A 75 12.12 2.60 -8.09
N GLN A 76 11.59 3.45 -8.98
CA GLN A 76 12.37 4.07 -10.06
C GLN A 76 13.21 3.03 -10.79
N GLY A 77 12.55 1.93 -11.16
CA GLY A 77 13.12 0.87 -11.95
C GLY A 77 13.89 -0.19 -11.18
N LYS A 78 13.95 -0.10 -9.84
CA LYS A 78 14.90 -0.90 -9.06
C LYS A 78 14.19 -1.73 -7.99
N ASP A 79 14.65 -2.96 -7.81
CA ASP A 79 14.08 -3.92 -6.86
C ASP A 79 14.87 -3.90 -5.54
N LEU A 80 14.23 -3.43 -4.48
CA LEU A 80 14.87 -3.21 -3.20
C LEU A 80 14.13 -3.94 -2.08
N LEU A 81 14.79 -3.95 -0.91
CA LEU A 81 14.33 -4.68 0.25
C LEU A 81 14.27 -3.78 1.46
N THR A 82 13.08 -3.51 1.96
CA THR A 82 12.92 -2.62 3.10
C THR A 82 13.65 -3.14 4.34
N PRO A 83 14.54 -2.34 4.95
CA PRO A 83 15.13 -2.74 6.22
C PRO A 83 14.13 -2.85 7.36
N VAL A 84 13.04 -2.11 7.31
CA VAL A 84 12.05 -2.32 8.36
C VAL A 84 11.18 -3.50 7.94
N SER A 85 10.80 -4.31 8.91
CA SER A 85 9.78 -5.32 8.71
C SER A 85 8.45 -4.71 9.10
N ARG A 86 7.37 -5.11 8.43
CA ARG A 86 6.09 -4.42 8.72
C ARG A 86 4.87 -5.27 8.38
N ILE A 87 3.71 -4.80 8.86
CA ILE A 87 2.43 -5.43 8.57
C ILE A 87 1.34 -4.37 8.57
N LEU A 88 0.25 -4.63 7.86
CA LEU A 88 -0.85 -3.68 7.75
C LEU A 88 -2.14 -4.26 8.34
N ILE A 89 -2.65 -3.63 9.39
CA ILE A 89 -3.87 -4.07 10.05
C ILE A 89 -4.95 -3.02 9.89
N GLY A 90 -6.19 -3.45 9.92
CA GLY A 90 -7.25 -2.46 10.02
C GLY A 90 -8.58 -2.96 9.45
N ASN A 91 -9.21 -2.07 8.67
CA ASN A 91 -10.57 -2.28 8.19
C ASN A 91 -10.64 -3.47 7.25
N PRO A 92 -11.63 -4.35 7.42
CA PRO A 92 -11.78 -5.49 6.51
C PRO A 92 -12.16 -5.06 5.10
N GLY A 93 -11.50 -5.67 4.12
CA GLY A 93 -11.70 -5.34 2.71
C GLY A 93 -10.86 -4.21 2.18
N CYS A 94 -10.03 -3.58 3.03
CA CYS A 94 -9.27 -2.40 2.68
C CYS A 94 -7.89 -2.74 2.18
N THR A 95 -7.32 -1.84 1.36
CA THR A 95 -5.91 -1.95 0.96
C THR A 95 -5.26 -0.57 0.98
N TYR A 96 -3.93 -0.55 1.19
CA TYR A 96 -3.13 0.66 1.23
C TYR A 96 -1.89 0.45 0.39
N LYS A 97 -1.71 1.28 -0.64
CA LYS A 97 -0.67 1.09 -1.64
C LYS A 97 0.49 2.02 -1.36
N TYR A 98 1.69 1.45 -1.22
CA TYR A 98 2.83 2.32 -1.15
C TYR A 98 4.06 1.68 -1.77
N LEU A 99 4.88 2.51 -2.41
CA LEU A 99 6.05 2.08 -3.17
C LEU A 99 5.71 0.97 -4.16
N ASN A 100 4.51 1.00 -4.75
CA ASN A 100 4.07 0.00 -5.73
C ASN A 100 3.78 -1.35 -5.08
N THR A 101 3.35 -1.34 -3.82
CA THR A 101 2.98 -2.56 -3.15
C THR A 101 1.62 -2.35 -2.52
N ARG A 102 0.64 -3.16 -2.88
CA ARG A 102 -0.68 -3.01 -2.27
C ARG A 102 -0.68 -3.87 -1.01
N LEU A 103 -0.53 -3.23 0.15
CA LEU A 103 -0.70 -3.99 1.38
C LEU A 103 -2.18 -4.24 1.60
N PHE A 104 -2.54 -5.48 1.94
CA PHE A 104 -3.93 -5.84 2.18
C PHE A 104 -4.16 -6.01 3.68
N THR A 105 -5.32 -5.58 4.15
CA THR A 105 -5.62 -5.57 5.58
C THR A 105 -5.64 -6.96 6.20
N VAL A 106 -4.78 -7.20 7.19
CA VAL A 106 -5.12 -8.27 8.15
C VAL A 106 -6.10 -7.62 9.13
N PRO A 107 -7.32 -8.12 9.20
CA PRO A 107 -8.45 -7.32 9.68
C PRO A 107 -8.60 -7.25 11.18
N TRP A 108 -9.10 -6.09 11.66
CA TRP A 108 -9.52 -5.93 13.06
C TRP A 108 -11.05 -5.90 13.12
N PRO A 109 -11.63 -6.20 14.30
CA PRO A 109 -13.05 -6.59 14.33
C PRO A 109 -14.06 -5.46 14.50
N VAL A 110 -14.49 -4.84 13.40
CA VAL A 110 -15.68 -3.99 13.38
C VAL A 110 -16.91 -4.87 13.11
N LYS A 111 -18.12 -4.29 13.18
CA LYS A 111 -19.36 -5.07 12.96
C LYS A 111 -19.71 -5.21 11.46
N THR A 118 -10.06 -15.57 12.12
CA THR A 118 -8.85 -16.26 11.65
C THR A 118 -8.01 -16.87 12.83
N GLU A 119 -6.69 -16.68 12.86
CA GLU A 119 -5.83 -17.46 13.76
C GLU A 119 -5.92 -16.94 15.19
N ALA A 120 -5.89 -17.88 16.15
CA ALA A 120 -5.91 -17.54 17.57
C ALA A 120 -4.65 -16.79 17.98
N GLU A 121 -4.75 -16.08 19.11
CA GLU A 121 -3.71 -15.23 19.71
C GLU A 121 -3.39 -13.99 18.88
N ILE A 122 -3.87 -13.92 17.65
CA ILE A 122 -3.61 -12.78 16.78
C ILE A 122 -4.84 -11.88 16.77
N ALA A 123 -6.01 -12.53 16.88
CA ALA A 123 -7.27 -11.81 17.05
C ALA A 123 -7.18 -10.81 18.19
N ALA A 124 -6.51 -11.19 19.29
CA ALA A 124 -6.47 -10.33 20.47
C ALA A 124 -5.63 -9.08 20.24
N ALA A 125 -4.55 -9.21 19.44
CA ALA A 125 -3.75 -8.02 19.12
C ALA A 125 -4.49 -7.10 18.15
N CYS A 126 -5.20 -7.66 17.18
CA CYS A 126 -5.99 -6.79 16.30
C CYS A 126 -7.07 -6.05 17.09
N GLU A 127 -7.72 -6.75 18.02
CA GLU A 127 -8.67 -6.09 18.90
C GLU A 127 -7.99 -4.94 19.62
N THR A 128 -6.82 -5.24 20.22
CA THR A 128 -6.04 -4.23 20.93
C THR A 128 -5.80 -2.99 20.07
N PHE A 129 -5.24 -3.19 18.87
CA PHE A 129 -4.90 -2.06 18.02
C PHE A 129 -6.14 -1.30 17.57
N LEU A 130 -7.29 -1.97 17.50
CA LEU A 130 -8.51 -1.22 17.22
C LEU A 130 -8.91 -0.33 18.40
N LYS A 131 -8.79 -0.85 19.62
CA LYS A 131 -9.02 0.00 20.79
C LYS A 131 -8.08 1.20 20.78
N LEU A 132 -6.83 0.96 20.40
CA LEU A 132 -5.86 2.03 20.28
C LEU A 132 -6.31 3.02 19.23
N ASN A 133 -6.85 2.51 18.11
CA ASN A 133 -7.31 3.37 17.03
C ASN A 133 -8.43 4.29 17.48
N ASP A 134 -9.34 3.77 18.29
CA ASP A 134 -10.41 4.60 18.84
C ASP A 134 -9.85 5.68 19.78
N TYR A 135 -8.92 5.30 20.66
CA TYR A 135 -8.27 6.29 21.51
C TYR A 135 -7.61 7.39 20.69
N LEU A 136 -6.81 6.99 19.70
CA LEU A 136 -6.06 7.95 18.90
C LEU A 136 -7.00 8.86 18.14
N GLN A 137 -8.08 8.31 17.57
CA GLN A 137 -9.16 9.13 17.02
C GLN A 137 -9.60 10.21 17.99
N ILE A 138 -9.88 9.82 19.24
CA ILE A 138 -10.36 10.77 20.25
C ILE A 138 -9.40 11.93 20.38
N GLU A 139 -8.12 11.62 20.65
CA GLU A 139 -7.12 12.66 20.86
C GLU A 139 -6.97 13.54 19.63
N THR A 140 -7.01 12.93 18.44
CA THR A 140 -6.87 13.70 17.21
C THR A 140 -7.99 14.73 17.08
N ILE A 141 -9.23 14.34 17.36
CA ILE A 141 -10.31 15.27 17.15
C ILE A 141 -10.23 16.41 18.14
N GLN A 142 -9.83 16.11 19.38
CA GLN A 142 -9.61 17.17 20.34
C GLN A 142 -8.57 18.16 19.83
N ALA A 143 -7.46 17.64 19.30
CA ALA A 143 -6.40 18.52 18.83
C ALA A 143 -6.86 19.35 17.64
N LEU A 144 -7.54 18.74 16.68
CA LEU A 144 -8.00 19.47 15.51
C LEU A 144 -9.08 20.49 15.87
N GLU A 145 -9.83 20.24 16.96
CA GLU A 145 -10.69 21.27 17.53
C GLU A 145 -9.88 22.47 17.99
N GLU A 146 -8.89 22.24 18.86
CA GLU A 146 -8.10 23.36 19.35
C GLU A 146 -7.43 24.13 18.21
N LEU A 147 -7.00 23.43 17.16
CA LEU A 147 -6.34 24.11 16.04
C LEU A 147 -7.34 24.96 15.24
N ALA A 148 -8.42 24.36 14.76
CA ALA A 148 -9.47 25.15 14.12
C ALA A 148 -10.02 26.26 15.03
N ALA A 149 -9.66 26.23 16.33
CA ALA A 149 -9.97 27.29 17.27
C ALA A 149 -8.93 28.40 17.27
N LYS A 150 -7.65 28.04 17.12
CA LYS A 150 -6.63 29.05 16.88
C LYS A 150 -6.95 29.83 15.61
N GLU A 151 -7.63 29.19 14.65
CA GLU A 151 -8.09 29.93 13.48
C GLU A 151 -9.17 30.93 13.86
N LYS A 152 -8.85 31.86 14.76
CA LYS A 152 -9.79 32.87 15.22
C LYS A 152 -9.05 33.75 16.22
N VAL A 165 -17.27 18.41 8.67
CA VAL A 165 -17.13 16.99 8.33
C VAL A 165 -15.68 16.73 7.93
N ASP A 166 -15.00 17.77 7.44
CA ASP A 166 -13.54 17.80 7.32
C ASP A 166 -12.86 17.35 8.60
N ILE A 167 -13.24 17.95 9.74
CA ILE A 167 -12.62 17.57 11.01
C ILE A 167 -12.93 16.10 11.35
N LYS A 168 -14.21 15.73 11.36
CA LYS A 168 -14.60 14.38 11.77
C LYS A 168 -13.96 13.30 10.89
N SER A 169 -13.84 13.56 9.59
CA SER A 169 -13.35 12.56 8.65
C SER A 169 -11.83 12.50 8.55
N ARG A 170 -11.15 13.63 8.81
CA ARG A 170 -9.69 13.70 8.82
C ARG A 170 -9.10 13.02 10.03
N ALA A 171 -9.95 12.58 10.97
CA ALA A 171 -9.56 11.68 12.04
C ALA A 171 -10.06 10.25 11.85
N ALA A 172 -10.88 9.98 10.83
CA ALA A 172 -11.45 8.65 10.66
C ALA A 172 -10.42 7.59 10.27
N TYR A 173 -9.39 7.38 11.09
CA TYR A 173 -8.36 6.39 10.79
C TYR A 173 -8.96 5.05 10.39
N ASN A 174 -8.57 4.56 9.20
CA ASN A 174 -9.08 3.27 8.77
C ASN A 174 -8.03 2.16 8.75
N VAL A 175 -6.74 2.49 8.81
CA VAL A 175 -5.73 1.44 8.90
C VAL A 175 -4.54 1.89 9.75
N THR A 176 -3.74 0.92 10.18
CA THR A 176 -2.44 1.21 10.77
C THR A 176 -1.36 0.34 10.16
N LEU A 177 -0.23 0.96 9.85
CA LEU A 177 0.95 0.26 9.37
C LEU A 177 1.87 0.11 10.57
N LEU A 178 2.01 -1.12 11.04
CA LEU A 178 2.94 -1.45 12.10
C LEU A 178 4.30 -1.74 11.48
N ASN A 179 5.38 -1.31 12.14
CA ASN A 179 6.70 -1.65 11.62
C ASN A 179 7.76 -1.73 12.71
N PHE A 180 8.76 -2.59 12.45
CA PHE A 180 9.82 -3.00 13.35
C PHE A 180 11.17 -2.90 12.67
N MET A 181 12.18 -2.50 13.44
CA MET A 181 13.55 -2.61 12.96
C MET A 181 14.46 -2.87 14.13
N ASP A 182 15.34 -3.85 13.98
CA ASP A 182 16.39 -4.14 14.96
C ASP A 182 17.67 -3.51 14.44
N PRO A 183 18.10 -2.37 14.95
CA PRO A 183 19.35 -1.77 14.46
C PRO A 183 20.49 -2.70 14.81
N GLN A 184 21.72 -2.40 14.38
CA GLN A 184 22.87 -3.30 14.59
C GLN A 184 22.53 -4.73 14.20
N LYS A 185 21.66 -4.84 13.19
CA LYS A 185 21.61 -5.94 12.26
C LYS A 185 21.79 -5.44 10.85
N MET A 186 21.50 -4.16 10.59
CA MET A 186 21.82 -3.54 9.31
C MET A 186 23.34 -3.49 9.13
N PRO A 187 23.86 -3.77 7.93
CA PRO A 187 25.34 -3.79 7.75
C PRO A 187 26.01 -2.41 7.67
N TYR A 188 25.24 -1.31 7.60
CA TYR A 188 25.64 0.10 7.53
C TYR A 188 24.34 0.89 7.46
N LEU A 189 24.22 1.99 8.20
CA LEU A 189 23.02 2.79 8.12
C LEU A 189 23.35 4.17 7.54
N LYS A 190 22.47 4.62 6.64
CA LYS A 190 22.69 5.87 5.91
C LYS A 190 22.73 7.04 6.88
N GLU A 191 23.82 7.80 6.82
CA GLU A 191 23.91 9.03 7.57
C GLU A 191 22.95 10.06 6.96
N GLU A 192 21.99 10.56 7.78
CA GLU A 192 21.12 11.64 7.35
C GLU A 192 21.87 12.89 6.89
N PRO A 193 21.78 13.25 5.60
CA PRO A 193 22.77 14.14 5.00
C PRO A 193 22.59 15.63 4.94
N TYR A 194 21.41 16.15 5.30
CA TYR A 194 21.24 17.60 5.21
C TYR A 194 21.40 18.32 6.55
N PHE A 195 21.21 17.63 7.68
CA PHE A 195 21.23 18.29 8.98
C PHE A 195 22.14 17.62 9.99
N GLY A 196 22.84 16.55 9.60
CA GLY A 196 23.73 15.84 10.51
C GLY A 196 22.98 15.18 11.64
N MET A 197 21.84 14.60 11.34
CA MET A 197 21.06 13.93 12.36
C MET A 197 21.56 12.52 12.67
N GLY A 198 22.60 12.05 11.97
CA GLY A 198 23.11 10.73 12.22
C GLY A 198 22.35 9.67 11.46
N LYS A 199 22.58 8.43 11.87
CA LYS A 199 22.07 7.29 11.13
C LYS A 199 20.55 7.27 11.16
N MET A 200 19.93 6.84 10.06
CA MET A 200 18.47 6.77 9.96
C MET A 200 17.96 5.45 9.39
N ALA A 201 16.76 5.08 9.84
CA ALA A 201 16.10 3.86 9.42
C ALA A 201 15.03 4.07 8.34
N VAL A 202 14.64 5.33 8.07
CA VAL A 202 13.66 5.70 7.05
C VAL A 202 14.12 7.03 6.46
N SER A 203 14.28 7.10 5.13
CA SER A 203 14.77 8.34 4.54
C SER A 203 13.72 9.44 4.69
N TRP A 204 14.07 10.66 4.30
CA TRP A 204 13.07 11.71 4.29
C TRP A 204 11.98 11.38 3.27
N HIS A 205 10.71 11.56 3.67
CA HIS A 205 9.57 11.21 2.81
C HIS A 205 8.33 11.91 3.34
N HIS A 206 7.26 11.88 2.54
CA HIS A 206 5.90 12.14 3.00
C HIS A 206 5.16 10.82 3.11
N ASP A 207 4.02 10.79 3.80
CA ASP A 207 3.24 9.55 3.84
C ASP A 207 2.27 9.60 2.67
N GLU A 208 2.60 8.88 1.60
CA GLU A 208 1.86 8.90 0.34
C GLU A 208 0.42 8.37 0.52
N ASN A 209 -0.46 8.75 -0.42
CA ASN A 209 -1.74 8.07 -0.67
C ASN A 209 -2.73 8.14 0.51
N LEU A 210 -2.59 9.16 1.34
CA LEU A 210 -3.56 9.46 2.38
C LEU A 210 -4.60 10.42 1.84
N VAL A 211 -5.79 10.36 2.46
CA VAL A 211 -6.81 11.35 2.15
C VAL A 211 -6.25 12.74 2.48
N ASP A 212 -6.84 13.76 1.82
CA ASP A 212 -6.30 15.11 1.87
C ASP A 212 -6.44 15.74 3.26
N ARG A 213 -5.40 16.44 3.69
CA ARG A 213 -5.35 17.11 5.00
C ARG A 213 -5.65 16.16 6.17
N SER A 214 -5.53 14.85 5.97
CA SER A 214 -5.72 13.90 7.06
C SER A 214 -4.50 13.84 7.96
N ALA A 215 -4.77 13.67 9.25
CA ALA A 215 -3.70 13.54 10.22
C ALA A 215 -3.09 12.14 10.15
N VAL A 216 -1.96 12.00 10.85
CA VAL A 216 -1.33 10.70 11.06
C VAL A 216 -0.94 10.60 12.54
N ALA A 217 -1.31 9.51 13.20
CA ALA A 217 -1.06 9.38 14.64
C ALA A 217 -0.12 8.20 14.86
N VAL A 218 1.04 8.47 15.45
CA VAL A 218 2.07 7.45 15.64
C VAL A 218 2.13 7.07 17.11
N TYR A 219 2.34 5.79 17.37
CA TYR A 219 2.72 5.27 18.68
C TYR A 219 4.12 4.66 18.56
N SER A 220 5.11 5.26 19.24
CA SER A 220 6.49 4.77 19.18
C SER A 220 6.83 3.86 20.38
N TYR A 221 7.74 2.91 20.16
CA TYR A 221 8.07 1.91 21.18
C TYR A 221 9.57 1.59 21.08
N SER A 222 10.39 2.28 21.88
CA SER A 222 11.82 2.09 21.93
C SER A 222 12.12 1.07 23.03
N CYS A 223 13.39 0.98 23.47
CA CYS A 223 13.75 0.09 24.58
C CYS A 223 14.88 0.67 25.45
N GLY A 238 26.29 16.66 18.89
CA GLY A 238 25.13 16.39 18.04
C GLY A 238 23.81 16.14 18.77
N ARG A 239 22.98 15.24 18.22
CA ARG A 239 21.84 14.67 18.92
C ARG A 239 22.21 13.29 19.46
N ASP A 240 21.44 12.81 20.43
CA ASP A 240 21.72 11.52 21.09
C ASP A 240 21.55 10.35 20.13
N PRO A 241 22.59 9.53 19.90
CA PRO A 241 22.47 8.46 18.88
C PRO A 241 21.83 7.19 19.40
N ASP A 242 21.84 6.99 20.72
CA ASP A 242 21.28 5.79 21.33
C ASP A 242 19.76 5.82 21.45
N ILE A 243 19.14 7.00 21.41
CA ILE A 243 17.69 7.17 21.60
C ILE A 243 17.02 7.41 20.25
N TRP A 244 15.82 6.84 20.09
CA TRP A 244 15.06 6.97 18.87
C TRP A 244 14.47 8.38 18.75
N HIS A 245 14.53 8.94 17.53
CA HIS A 245 13.96 10.26 17.25
C HIS A 245 13.16 10.19 15.96
N VAL A 246 12.14 11.05 15.85
CA VAL A 246 11.51 11.39 14.56
C VAL A 246 11.96 12.78 14.15
N GLY A 247 12.44 12.91 12.92
CA GLY A 247 13.00 14.16 12.43
C GLY A 247 12.15 14.78 11.35
N PHE A 248 12.15 16.12 11.30
CA PHE A 248 11.22 16.88 10.46
C PHE A 248 11.90 18.03 9.74
N LYS A 249 11.38 18.33 8.55
CA LYS A 249 11.95 19.41 7.74
C LYS A 249 10.92 19.97 6.77
N ILE A 250 11.00 21.27 6.50
CA ILE A 250 10.12 21.87 5.50
C ILE A 250 10.56 21.42 4.12
N SER A 251 9.60 21.14 3.25
CA SER A 251 9.95 20.57 1.97
C SER A 251 10.69 21.55 1.07
N TRP A 252 11.61 21.01 0.27
CA TRP A 252 12.53 21.70 -0.63
C TRP A 252 13.59 22.47 0.13
N ASP A 253 13.58 22.39 1.46
CA ASP A 253 14.32 23.31 2.31
C ASP A 253 15.40 22.57 3.10
N ILE A 254 16.62 23.10 3.03
CA ILE A 254 17.63 22.57 3.90
C ILE A 254 18.35 23.73 4.59
N GLU A 255 17.82 24.94 4.42
CA GLU A 255 18.31 26.07 5.21
C GLU A 255 17.65 26.11 6.58
N THR A 256 16.33 26.24 6.62
CA THR A 256 15.57 26.14 7.87
C THR A 256 15.92 24.89 8.68
N PRO A 257 16.55 25.07 9.84
CA PRO A 257 17.03 23.93 10.63
C PRO A 257 15.93 22.93 10.97
N GLY A 258 16.18 21.66 10.64
CA GLY A 258 15.21 20.61 10.94
C GLY A 258 15.14 20.26 12.41
N LEU A 259 13.98 19.78 12.84
CA LEU A 259 13.81 19.32 14.22
C LEU A 259 14.08 17.84 14.29
N ALA A 260 14.42 17.36 15.49
CA ALA A 260 14.59 15.93 15.74
C ALA A 260 14.09 15.62 17.15
N ILE A 261 12.94 14.96 17.25
CA ILE A 261 12.22 14.78 18.52
C ILE A 261 12.55 13.43 19.13
N PRO A 262 13.01 13.37 20.38
CA PRO A 262 13.27 12.08 21.02
C PRO A 262 11.98 11.38 21.39
N LEU A 263 11.95 10.07 21.15
CA LEU A 263 10.75 9.27 21.34
C LEU A 263 11.07 8.12 22.28
N HIS A 264 10.58 8.22 23.50
CA HIS A 264 10.80 7.15 24.46
C HIS A 264 9.61 6.18 24.41
N GLN A 265 9.67 5.16 25.25
CA GLN A 265 8.70 4.07 25.15
C GLN A 265 7.30 4.58 25.46
N GLY A 266 6.40 4.49 24.49
CA GLY A 266 5.04 4.94 24.66
C GLY A 266 4.75 6.36 24.22
N ASP A 267 5.77 7.13 23.81
CA ASP A 267 5.52 8.47 23.29
C ASP A 267 4.67 8.39 22.03
N CYS A 268 3.74 9.32 21.89
CA CYS A 268 2.82 9.41 20.76
C CYS A 268 2.98 10.73 20.05
N TYR A 269 2.72 10.76 18.75
CA TYR A 269 2.68 12.09 18.13
C TYR A 269 1.65 12.15 17.01
N PHE A 270 1.43 13.37 16.53
CA PHE A 270 0.35 13.64 15.61
C PHE A 270 0.82 14.65 14.56
N MET A 271 0.69 14.29 13.29
CA MET A 271 0.85 15.24 12.19
C MET A 271 -0.54 15.70 11.74
N LEU A 272 -0.83 16.99 11.93
CA LEU A 272 -2.16 17.54 11.75
C LEU A 272 -2.27 18.34 10.49
N ASP A 273 -3.47 18.33 9.90
CA ASP A 273 -3.86 19.19 8.78
C ASP A 273 -2.85 18.99 7.66
N ASP A 274 -2.32 20.05 7.06
CA ASP A 274 -1.45 19.89 5.91
C ASP A 274 -0.01 19.66 6.30
N LEU A 275 0.27 19.42 7.58
CA LEU A 275 1.62 19.13 8.02
C LEU A 275 2.28 18.06 7.15
N ASN A 276 1.64 16.89 7.04
CA ASN A 276 2.21 15.79 6.27
C ASN A 276 2.58 16.17 4.83
N ALA A 277 2.04 17.27 4.30
CA ALA A 277 2.40 17.73 2.96
C ALA A 277 3.39 18.88 2.96
N THR A 278 3.33 19.75 3.97
CA THR A 278 4.18 20.93 4.01
C THR A 278 5.59 20.58 4.48
N HIS A 279 5.71 19.53 5.27
CA HIS A 279 6.99 19.04 5.74
C HIS A 279 7.16 17.57 5.35
N GLN A 280 8.39 17.19 5.11
CA GLN A 280 8.70 15.79 5.10
C GLN A 280 9.32 15.38 6.43
N HIS A 281 9.28 14.08 6.71
CA HIS A 281 9.81 13.52 7.96
C HIS A 281 10.71 12.35 7.65
N CYS A 282 11.19 11.74 8.74
CA CYS A 282 12.11 10.61 8.71
C CYS A 282 12.29 10.08 10.14
N VAL A 283 12.90 8.90 10.27
CA VAL A 283 13.05 8.23 11.56
C VAL A 283 14.53 7.94 11.83
N LEU A 284 15.10 8.59 12.86
CA LEU A 284 16.48 8.35 13.22
C LEU A 284 16.59 7.27 14.29
N ALA A 285 17.56 6.39 14.11
CA ALA A 285 17.68 5.16 14.86
C ALA A 285 18.48 5.34 16.15
N GLY A 286 18.28 4.42 17.07
CA GLY A 286 19.04 4.46 18.29
C GLY A 286 20.06 3.34 18.37
N SER A 287 19.88 2.48 19.37
CA SER A 287 20.66 1.26 19.54
C SER A 287 19.80 0.05 19.86
N GLN A 288 18.67 0.24 20.55
CA GLN A 288 17.64 -0.75 20.84
C GLN A 288 16.72 -0.93 19.62
N PRO A 289 16.16 -2.14 19.43
CA PRO A 289 15.09 -2.31 18.44
C PRO A 289 13.95 -1.33 18.68
N ARG A 290 13.27 -0.96 17.59
CA ARG A 290 12.11 -0.04 17.66
C ARG A 290 10.89 -0.69 17.02
N PHE A 291 9.72 -0.46 17.64
CA PHE A 291 8.42 -0.60 17.01
C PHE A 291 7.80 0.78 16.79
N SER A 292 6.90 0.87 15.81
CA SER A 292 5.95 1.98 15.77
C SER A 292 4.68 1.54 15.06
N SER A 293 3.57 2.12 15.48
CA SER A 293 2.26 1.91 14.88
C SER A 293 1.79 3.24 14.31
N THR A 294 1.71 3.35 12.98
CA THR A 294 1.36 4.63 12.36
C THR A 294 -0.05 4.52 11.79
N HIS A 295 -0.99 5.27 12.36
CA HIS A 295 -2.42 5.17 12.08
C HIS A 295 -2.82 6.26 11.11
N ARG A 296 -3.51 5.87 10.02
CA ARG A 296 -3.76 6.75 8.90
C ARG A 296 -5.16 6.49 8.32
N VAL A 297 -5.62 7.50 7.55
CA VAL A 297 -6.87 7.57 6.79
C VAL A 297 -6.61 7.45 5.29
N ALA A 298 -6.62 6.23 4.75
CA ALA A 298 -6.10 5.97 3.40
C ALA A 298 -7.13 6.25 2.31
N GLU A 299 -6.65 6.74 1.16
CA GLU A 299 -7.51 6.94 -0.02
C GLU A 299 -7.94 5.59 -0.60
N CYS A 300 -8.85 4.93 0.07
CA CYS A 300 -9.21 3.61 -0.43
C CYS A 300 -10.42 3.71 -1.36
N SER A 301 -10.39 4.64 -2.32
CA SER A 301 -11.57 4.73 -3.17
C SER A 301 -11.46 3.88 -4.42
N THR A 302 -10.25 3.45 -4.81
CA THR A 302 -10.07 2.46 -5.85
C THR A 302 -9.43 1.19 -5.28
N GLY A 303 -9.51 1.02 -3.96
CA GLY A 303 -8.73 -0.01 -3.29
C GLY A 303 -9.42 -0.78 -2.20
N THR A 304 -10.66 -1.17 -2.44
CA THR A 304 -11.40 -2.02 -1.53
C THR A 304 -12.04 -3.16 -2.31
N LEU A 305 -12.17 -4.31 -1.63
CA LEU A 305 -12.72 -5.51 -2.25
C LEU A 305 -14.12 -5.27 -2.86
N ASP A 306 -14.97 -4.54 -2.14
CA ASP A 306 -16.22 -4.01 -2.71
C ASP A 306 -16.00 -3.32 -4.05
N TYR A 307 -15.01 -2.42 -4.10
CA TYR A 307 -14.82 -1.65 -5.32
C TYR A 307 -14.40 -2.55 -6.47
N ILE A 308 -13.34 -3.33 -6.29
CA ILE A 308 -12.86 -4.13 -7.41
C ILE A 308 -13.90 -5.17 -7.83
N LEU A 309 -14.69 -5.69 -6.88
CA LEU A 309 -15.80 -6.57 -7.24
C LEU A 309 -16.80 -5.85 -8.13
N GLN A 310 -17.32 -4.71 -7.69
CA GLN A 310 -18.28 -3.99 -8.52
C GLN A 310 -17.71 -3.73 -9.91
N ARG A 311 -16.44 -3.37 -9.97
CA ARG A 311 -15.81 -3.18 -11.28
C ARG A 311 -15.97 -4.43 -12.13
N CYS A 312 -15.68 -5.59 -11.52
CA CYS A 312 -15.87 -6.85 -12.23
C CYS A 312 -17.32 -7.00 -12.71
N GLN A 313 -18.30 -6.65 -11.88
CA GLN A 313 -19.67 -6.87 -12.33
C GLN A 313 -19.97 -5.98 -13.51
N LEU A 314 -19.36 -4.79 -13.54
CA LEU A 314 -19.56 -3.90 -14.67
C LEU A 314 -18.96 -4.47 -15.93
N ALA A 315 -17.75 -5.01 -15.83
CA ALA A 315 -17.15 -5.63 -17.01
C ALA A 315 -18.03 -6.77 -17.54
N LEU A 316 -18.46 -7.65 -16.64
CA LEU A 316 -19.22 -8.85 -16.98
C LEU A 316 -20.62 -8.57 -17.46
N GLN A 317 -21.13 -7.36 -17.25
CA GLN A 317 -22.44 -7.00 -17.81
C GLN A 317 -22.49 -7.10 -19.33
N ASN A 318 -21.36 -6.98 -20.03
CA ASN A 318 -21.34 -7.16 -21.47
C ASN A 318 -21.35 -8.63 -21.87
N VAL A 319 -21.67 -9.57 -20.97
CA VAL A 319 -21.51 -10.99 -21.25
C VAL A 319 -22.84 -11.73 -21.04
N CYS A 320 -23.19 -12.57 -22.00
CA CYS A 320 -24.39 -13.40 -21.91
C CYS A 320 -24.19 -14.41 -20.80
N ASP A 321 -24.92 -14.22 -19.68
CA ASP A 321 -24.68 -14.87 -18.41
C ASP A 321 -25.72 -15.96 -18.08
N ASP A 322 -26.35 -16.58 -19.07
CA ASP A 322 -27.23 -17.70 -18.74
C ASP A 322 -26.48 -18.82 -18.01
N VAL A 323 -25.44 -19.36 -18.63
CA VAL A 323 -24.63 -20.43 -18.04
C VAL A 323 -23.19 -19.94 -17.80
N ASP A 324 -22.30 -20.82 -17.31
CA ASP A 324 -20.89 -20.46 -17.14
C ASP A 324 -19.97 -21.56 -17.64
N ASN A 325 -19.36 -21.33 -18.79
CA ASN A 325 -18.51 -22.32 -19.47
C ASN A 325 -17.48 -21.60 -20.33
N ASP A 326 -16.62 -22.39 -20.97
CA ASP A 326 -15.68 -21.86 -21.95
C ASP A 326 -16.44 -21.61 -23.26
N ASP A 327 -17.28 -20.59 -23.21
CA ASP A 327 -18.19 -20.27 -24.31
C ASP A 327 -18.75 -18.87 -24.14
N VAL A 328 -17.91 -17.86 -24.34
CA VAL A 328 -18.25 -16.47 -24.04
C VAL A 328 -18.82 -15.83 -25.29
N SER A 329 -20.05 -15.31 -25.20
CA SER A 329 -20.67 -14.58 -26.30
C SER A 329 -20.98 -13.19 -25.78
N LEU A 330 -20.37 -12.18 -26.41
CA LEU A 330 -20.44 -10.81 -25.91
C LEU A 330 -21.74 -10.12 -26.29
N LYS A 331 -22.32 -9.42 -25.32
CA LYS A 331 -23.62 -8.81 -25.58
C LYS A 331 -23.52 -7.63 -26.53
N SER A 332 -22.47 -6.82 -26.43
CA SER A 332 -22.37 -5.65 -27.30
C SER A 332 -20.98 -5.55 -27.92
N PHE A 333 -20.86 -4.66 -28.94
CA PHE A 333 -19.58 -4.34 -29.55
C PHE A 333 -19.36 -2.84 -29.77
N GLU A 334 -20.12 -1.98 -29.12
CA GLU A 334 -19.75 -0.58 -29.09
C GLU A 334 -18.29 -0.48 -28.65
N PRO A 335 -17.47 0.36 -29.32
CA PRO A 335 -16.03 0.40 -28.98
C PRO A 335 -15.79 0.78 -27.53
N ALA A 336 -16.54 1.77 -27.02
CA ALA A 336 -16.37 2.24 -25.66
C ALA A 336 -16.56 1.12 -24.64
N VAL A 337 -17.57 0.28 -24.85
CA VAL A 337 -17.85 -0.81 -23.90
C VAL A 337 -16.72 -1.83 -23.90
N LEU A 338 -16.27 -2.23 -25.10
CA LEU A 338 -15.19 -3.20 -25.19
C LEU A 338 -13.95 -2.70 -24.49
N LYS A 339 -13.65 -1.41 -24.68
CA LYS A 339 -12.50 -0.78 -24.05
C LYS A 339 -12.62 -0.83 -22.52
N GLN A 340 -13.78 -0.41 -22.00
CA GLN A 340 -13.99 -0.45 -20.54
C GLN A 340 -13.83 -1.86 -20.00
N GLY A 341 -14.26 -2.86 -20.77
CA GLY A 341 -14.03 -4.23 -20.34
C GLY A 341 -12.56 -4.56 -20.21
N GLU A 342 -11.78 -4.28 -21.26
CA GLU A 342 -10.37 -4.64 -21.22
C GLU A 342 -9.60 -3.87 -20.16
N GLU A 343 -10.06 -2.66 -19.85
CA GLU A 343 -9.44 -1.93 -18.76
C GLU A 343 -9.73 -2.58 -17.41
N ILE A 344 -10.97 -3.02 -17.17
CA ILE A 344 -11.27 -3.66 -15.89
C ILE A 344 -10.50 -4.98 -15.79
N HIS A 345 -10.38 -5.70 -16.90
CA HIS A 345 -9.47 -6.84 -17.05
C HIS A 345 -8.11 -6.53 -16.45
N ASN A 346 -7.48 -5.46 -16.98
CA ASN A 346 -6.15 -5.09 -16.49
C ASN A 346 -6.17 -4.73 -15.02
N GLU A 347 -7.16 -3.93 -14.59
CA GLU A 347 -7.15 -3.45 -13.22
C GLU A 347 -7.19 -4.61 -12.24
N VAL A 348 -8.12 -5.54 -12.43
CA VAL A 348 -8.16 -6.66 -11.49
C VAL A 348 -6.94 -7.57 -11.66
N GLU A 349 -6.40 -7.72 -12.87
CA GLU A 349 -5.25 -8.59 -13.00
C GLU A 349 -4.07 -8.07 -12.20
N PHE A 350 -3.69 -6.81 -12.43
CA PHE A 350 -2.42 -6.28 -11.92
C PHE A 350 -2.52 -5.58 -10.57
N GLU A 351 -3.55 -4.77 -10.35
CA GLU A 351 -3.69 -4.15 -9.05
C GLU A 351 -4.13 -5.12 -7.97
N TRP A 352 -4.70 -6.26 -8.34
CA TRP A 352 -5.27 -7.12 -7.31
C TRP A 352 -4.65 -8.51 -7.29
N LEU A 353 -4.62 -9.21 -8.42
CA LEU A 353 -4.06 -10.55 -8.40
C LEU A 353 -2.54 -10.52 -8.21
N ARG A 354 -1.79 -10.06 -9.22
CA ARG A 354 -0.33 -10.05 -9.16
C ARG A 354 0.15 -9.46 -7.85
N GLN A 355 -0.46 -8.36 -7.41
CA GLN A 355 -0.09 -7.74 -6.14
C GLN A 355 -0.26 -8.72 -4.98
N PHE A 356 -1.45 -9.28 -4.83
CA PHE A 356 -1.69 -10.24 -3.75
C PHE A 356 -0.64 -11.34 -3.75
N TRP A 357 -0.39 -11.94 -4.91
CA TRP A 357 0.47 -13.11 -4.91
C TRP A 357 1.96 -12.78 -4.86
N PHE A 358 2.38 -11.54 -5.12
CA PHE A 358 3.79 -11.17 -4.99
C PHE A 358 4.24 -11.22 -3.53
N GLN A 359 3.45 -10.66 -2.62
CA GLN A 359 3.70 -10.88 -1.20
C GLN A 359 3.41 -12.34 -0.90
N GLY A 360 4.17 -13.23 -1.58
CA GLY A 360 3.90 -14.66 -1.79
C GLY A 360 3.07 -15.37 -0.76
N ASN A 361 3.57 -15.43 0.46
CA ASN A 361 2.88 -16.17 1.51
C ASN A 361 2.83 -15.37 2.80
N ARG A 362 3.08 -14.06 2.74
CA ARG A 362 2.72 -13.21 3.86
C ARG A 362 1.35 -13.59 4.42
N TYR A 363 0.38 -13.76 3.51
CA TYR A 363 -1.04 -13.78 3.91
C TYR A 363 -1.47 -15.08 4.57
N ARG A 364 -1.56 -16.19 3.80
CA ARG A 364 -1.96 -17.47 4.35
C ARG A 364 -1.10 -17.89 5.54
N LYS A 365 0.02 -17.20 5.80
CA LYS A 365 0.70 -17.29 7.08
C LYS A 365 -0.04 -16.50 8.15
N CYS A 366 -0.30 -15.22 7.90
CA CYS A 366 -1.00 -14.40 8.89
C CYS A 366 -2.45 -14.82 9.05
N THR A 367 -3.30 -14.40 8.10
CA THR A 367 -4.74 -14.65 8.13
C THR A 367 -5.14 -15.39 6.85
N ASP A 368 -6.37 -15.89 6.85
CA ASP A 368 -6.92 -16.51 5.64
C ASP A 368 -7.96 -15.64 4.96
N TRP A 369 -8.20 -14.42 5.48
CA TRP A 369 -9.43 -13.68 5.17
C TRP A 369 -9.62 -13.50 3.67
N TRP A 370 -8.54 -13.12 2.97
CA TRP A 370 -8.56 -12.79 1.55
C TRP A 370 -8.66 -14.02 0.63
N CYS A 371 -8.62 -15.24 1.18
CA CYS A 371 -8.59 -16.43 0.33
C CYS A 371 -9.78 -16.60 -0.61
N GLN A 372 -10.96 -16.86 -0.07
CA GLN A 372 -12.17 -16.88 -0.89
C GLN A 372 -12.34 -15.63 -1.74
N PRO A 373 -12.09 -14.41 -1.22
CA PRO A 373 -12.09 -13.22 -2.09
C PRO A 373 -11.13 -13.29 -3.25
N MET A 374 -9.89 -13.64 -2.98
CA MET A 374 -8.89 -13.68 -4.04
C MET A 374 -9.13 -14.83 -5.02
N ALA A 375 -9.65 -15.94 -4.51
CA ALA A 375 -10.08 -17.01 -5.40
C ALA A 375 -11.15 -16.53 -6.35
N GLN A 376 -12.13 -15.80 -5.81
CA GLN A 376 -13.20 -15.23 -6.61
C GLN A 376 -12.67 -14.27 -7.67
N LEU A 377 -11.75 -13.41 -7.27
CA LEU A 377 -11.15 -12.49 -8.24
C LEU A 377 -10.43 -13.26 -9.35
N GLU A 378 -9.77 -14.36 -9.01
CA GLU A 378 -9.10 -15.11 -10.06
C GLU A 378 -10.11 -15.73 -11.03
N ALA A 379 -11.24 -16.20 -10.50
CA ALA A 379 -12.27 -16.76 -11.37
C ALA A 379 -12.79 -15.70 -12.34
N LEU A 380 -13.16 -14.53 -11.80
CA LEU A 380 -13.65 -13.47 -12.67
C LEU A 380 -12.60 -13.08 -13.70
N TRP A 381 -11.33 -13.10 -13.30
CA TRP A 381 -10.26 -12.75 -14.25
C TRP A 381 -10.17 -13.75 -15.40
N LYS A 382 -10.30 -15.05 -15.13
CA LYS A 382 -10.19 -15.96 -16.26
C LYS A 382 -11.44 -15.89 -17.15
N LYS A 383 -12.61 -15.57 -16.58
CA LYS A 383 -13.76 -15.29 -17.44
C LYS A 383 -13.51 -14.05 -18.29
N MET A 384 -12.76 -13.08 -17.77
CA MET A 384 -12.41 -11.94 -18.60
C MET A 384 -11.42 -12.33 -19.70
N GLU A 385 -10.51 -13.27 -19.40
CA GLU A 385 -9.66 -13.82 -20.45
C GLU A 385 -10.54 -14.35 -21.57
N GLY A 386 -11.62 -15.03 -21.19
CA GLY A 386 -12.54 -15.54 -22.19
C GLY A 386 -13.23 -14.44 -22.98
N VAL A 387 -13.60 -13.35 -22.31
CA VAL A 387 -14.21 -12.20 -22.98
C VAL A 387 -13.26 -11.65 -24.05
N THR A 388 -11.98 -11.52 -23.68
CA THR A 388 -10.97 -11.01 -24.60
C THR A 388 -10.82 -11.92 -25.81
N ASN A 389 -10.71 -13.22 -25.57
CA ASN A 389 -10.67 -14.17 -26.67
C ASN A 389 -11.90 -14.04 -27.58
N ALA A 390 -13.07 -13.79 -26.99
CA ALA A 390 -14.28 -13.55 -27.75
C ALA A 390 -14.14 -12.35 -28.69
N VAL A 391 -13.62 -11.22 -28.17
CA VAL A 391 -13.41 -10.05 -29.02
C VAL A 391 -12.41 -10.35 -30.13
N LEU A 392 -11.34 -11.05 -29.79
CA LEU A 392 -10.32 -11.40 -30.77
C LEU A 392 -10.92 -12.20 -31.92
N HIS A 393 -11.86 -13.10 -31.61
CA HIS A 393 -12.61 -13.82 -32.64
C HIS A 393 -13.43 -12.88 -33.50
N GLU A 394 -14.31 -12.10 -32.88
CA GLU A 394 -15.26 -11.30 -33.67
C GLU A 394 -14.53 -10.34 -34.61
N VAL A 395 -13.39 -9.78 -34.19
CA VAL A 395 -12.74 -8.74 -34.99
C VAL A 395 -12.22 -9.29 -36.32
N LYS A 396 -11.92 -10.59 -36.40
CA LYS A 396 -11.43 -11.17 -37.65
C LYS A 396 -12.51 -11.92 -38.43
N ARG A 397 -13.76 -11.83 -38.01
CA ARG A 397 -14.80 -12.70 -38.57
C ARG A 397 -15.03 -12.40 -40.04
N GLU A 398 -15.30 -13.46 -40.80
CA GLU A 398 -15.65 -13.33 -42.21
C GLU A 398 -16.89 -12.45 -42.38
N GLY A 399 -16.70 -11.26 -42.95
CA GLY A 399 -17.81 -10.39 -43.28
C GLY A 399 -18.11 -9.34 -42.22
N LEU A 400 -17.08 -8.78 -41.59
CA LEU A 400 -17.24 -7.67 -40.64
C LEU A 400 -16.70 -6.41 -41.29
N PRO A 401 -17.50 -5.35 -41.40
CA PRO A 401 -17.08 -4.18 -42.18
C PRO A 401 -15.82 -3.54 -41.63
N VAL A 402 -14.91 -3.21 -42.56
CA VAL A 402 -13.56 -2.79 -42.20
C VAL A 402 -13.56 -1.59 -41.26
N GLU A 403 -14.48 -0.64 -41.48
CA GLU A 403 -14.50 0.55 -40.63
C GLU A 403 -14.78 0.21 -39.17
N GLN A 404 -15.72 -0.71 -38.94
CA GLN A 404 -15.96 -1.22 -37.60
C GLN A 404 -14.72 -1.91 -37.05
N ARG A 405 -14.04 -2.70 -37.87
CA ARG A 405 -12.82 -3.35 -37.45
C ARG A 405 -11.80 -2.32 -36.91
N ASN A 406 -11.59 -1.24 -37.66
CA ASN A 406 -10.63 -0.23 -37.25
C ASN A 406 -11.11 0.50 -36.00
N GLU A 407 -12.42 0.75 -35.90
CA GLU A 407 -12.95 1.39 -34.71
C GLU A 407 -12.71 0.54 -33.46
N ILE A 408 -13.00 -0.76 -33.55
CA ILE A 408 -12.87 -1.67 -32.42
C ILE A 408 -11.40 -1.88 -32.05
N LEU A 409 -10.53 -2.04 -33.04
CA LEU A 409 -9.10 -2.03 -32.78
C LEU A 409 -8.71 -0.81 -31.97
N THR A 410 -8.89 0.39 -32.56
CA THR A 410 -8.47 1.62 -31.88
C THR A 410 -9.06 1.72 -30.47
N ALA A 411 -10.20 1.07 -30.22
CA ALA A 411 -10.76 1.10 -28.88
C ALA A 411 -9.97 0.22 -27.92
N ILE A 412 -9.53 -0.95 -28.36
CA ILE A 412 -8.93 -1.93 -27.43
C ILE A 412 -7.39 -1.92 -27.36
N LEU A 413 -6.71 -1.34 -28.35
CA LEU A 413 -5.27 -1.63 -28.49
C LEU A 413 -4.44 -1.05 -27.37
N ALA A 414 -4.83 0.11 -26.83
CA ALA A 414 -4.07 0.66 -25.70
C ALA A 414 -4.10 -0.30 -24.51
N SER A 415 -5.25 -0.96 -24.29
CA SER A 415 -5.41 -1.87 -23.16
C SER A 415 -4.68 -3.17 -23.38
N LEU A 416 -4.67 -3.64 -24.63
CA LEU A 416 -3.87 -4.81 -24.98
C LEU A 416 -2.37 -4.55 -24.81
N THR A 417 -1.88 -3.43 -25.37
CA THR A 417 -0.48 -3.08 -25.24
C THR A 417 -0.09 -2.96 -23.77
N ALA A 418 -0.95 -2.34 -22.96
CA ALA A 418 -0.66 -2.22 -21.54
C ALA A 418 -0.58 -3.59 -20.86
N ARG A 419 -1.53 -4.49 -21.15
CA ARG A 419 -1.48 -5.83 -20.56
C ARG A 419 -0.16 -6.53 -20.89
N GLN A 420 0.34 -6.30 -22.12
CA GLN A 420 1.61 -6.91 -22.54
C GLN A 420 2.79 -6.33 -21.77
N ASN A 421 2.90 -5.01 -21.74
CA ASN A 421 4.02 -4.37 -21.06
C ASN A 421 4.04 -4.77 -19.58
N LEU A 422 2.88 -4.82 -18.94
CA LEU A 422 2.81 -5.07 -17.50
C LEU A 422 3.02 -6.55 -17.14
N ARG A 423 2.58 -7.49 -17.98
CA ARG A 423 2.99 -8.87 -17.75
C ARG A 423 4.51 -9.00 -17.85
N ARG A 424 5.14 -8.28 -18.79
CA ARG A 424 6.61 -8.23 -18.87
C ARG A 424 7.23 -7.76 -17.53
N GLU A 425 6.84 -6.57 -17.06
CA GLU A 425 7.36 -6.08 -15.77
C GLU A 425 7.20 -7.13 -14.67
N TRP A 426 6.02 -7.74 -14.58
CA TRP A 426 5.75 -8.58 -13.42
C TRP A 426 6.56 -9.87 -13.42
N HIS A 427 6.64 -10.58 -14.58
CA HIS A 427 7.51 -11.75 -14.62
C HIS A 427 8.96 -11.36 -14.38
N ALA A 428 9.37 -10.17 -14.84
CA ALA A 428 10.71 -9.67 -14.52
C ALA A 428 10.91 -9.51 -13.01
N ARG A 429 9.97 -8.84 -12.34
CA ARG A 429 10.08 -8.56 -10.91
C ARG A 429 10.04 -9.85 -10.07
N CYS A 430 9.23 -10.83 -10.49
CA CYS A 430 9.18 -12.12 -9.80
C CYS A 430 10.46 -12.92 -10.01
N GLN A 431 11.15 -12.72 -11.11
CA GLN A 431 12.49 -13.29 -11.27
C GLN A 431 13.59 -12.26 -11.06
N SER A 432 13.50 -11.48 -9.98
CA SER A 432 14.43 -10.39 -9.68
C SER A 432 15.77 -10.94 -9.18
N ARG A 433 16.79 -10.06 -9.21
CA ARG A 433 18.07 -10.35 -8.55
C ARG A 433 17.83 -10.90 -7.15
N ILE A 434 17.20 -10.06 -6.32
CA ILE A 434 16.89 -10.41 -4.94
C ILE A 434 15.85 -11.52 -4.88
N ALA A 435 14.84 -11.49 -5.75
CA ALA A 435 13.72 -12.40 -5.64
C ALA A 435 14.15 -13.85 -5.87
N ARG A 436 14.75 -14.13 -7.04
CA ARG A 436 15.09 -15.49 -7.44
C ARG A 436 16.19 -16.10 -6.59
N THR A 437 16.78 -15.33 -5.67
CA THR A 437 17.68 -15.90 -4.65
C THR A 437 17.28 -15.25 -3.31
N LEU A 438 16.30 -15.87 -2.64
CA LEU A 438 15.76 -15.48 -1.35
C LEU A 438 15.56 -16.75 -0.52
N PRO A 439 15.11 -16.63 0.73
CA PRO A 439 14.58 -17.81 1.41
C PRO A 439 13.43 -18.42 0.61
N ALA A 440 13.42 -19.76 0.56
CA ALA A 440 12.48 -20.51 -0.25
C ALA A 440 11.02 -20.11 -0.04
N ASP A 441 10.68 -19.61 1.17
CA ASP A 441 9.35 -19.05 1.40
C ASP A 441 9.28 -17.56 1.07
N GLN A 442 10.40 -16.84 1.27
CA GLN A 442 10.44 -15.41 0.93
C GLN A 442 10.15 -15.14 -0.53
N LYS A 443 10.32 -16.13 -1.41
CA LYS A 443 10.11 -15.93 -2.83
C LYS A 443 8.68 -15.49 -3.10
N PRO A 444 8.46 -14.53 -4.00
CA PRO A 444 7.10 -14.23 -4.44
C PRO A 444 6.60 -15.31 -5.39
N GLU A 445 5.28 -15.50 -5.43
CA GLU A 445 4.68 -16.35 -6.44
C GLU A 445 4.30 -15.51 -7.65
N CYS A 446 4.38 -16.11 -8.84
CA CYS A 446 4.08 -15.42 -10.09
C CYS A 446 2.75 -15.95 -10.63
N ARG A 447 1.63 -15.42 -10.09
CA ARG A 447 0.27 -15.89 -10.36
C ARG A 447 -0.59 -14.72 -10.83
N PRO A 448 -1.36 -14.88 -11.94
CA PRO A 448 -1.53 -16.07 -12.75
C PRO A 448 -0.43 -16.29 -13.79
N TYR A 449 0.03 -17.53 -13.92
CA TYR A 449 0.99 -17.90 -14.96
C TYR A 449 0.65 -19.30 -15.45
N TRP A 450 0.24 -19.39 -16.71
CA TRP A 450 -0.04 -20.67 -17.34
C TRP A 450 0.93 -20.91 -18.49
N GLU A 451 1.23 -22.18 -18.73
CA GLU A 451 2.14 -22.51 -19.81
C GLU A 451 1.36 -22.66 -21.12
N LYS A 452 2.08 -22.89 -22.22
CA LYS A 452 1.48 -22.93 -23.55
C LYS A 452 0.53 -24.12 -23.70
N ASP A 453 0.96 -25.31 -23.29
CA ASP A 453 0.14 -26.50 -23.52
C ASP A 453 -1.17 -26.48 -22.74
N ASP A 454 -1.25 -25.73 -21.64
CA ASP A 454 -2.48 -25.63 -20.87
C ASP A 454 -3.61 -25.06 -21.71
N ALA A 455 -4.51 -25.93 -22.15
CA ALA A 455 -5.64 -25.47 -22.96
C ALA A 455 -6.80 -24.93 -22.12
N SER A 456 -6.72 -25.00 -20.77
CA SER A 456 -7.82 -24.47 -19.97
C SER A 456 -7.99 -22.98 -20.19
N MET A 457 -6.91 -22.30 -20.58
CA MET A 457 -6.83 -20.89 -20.87
C MET A 457 -6.91 -20.68 -22.37
N PRO A 458 -7.88 -19.91 -22.87
CA PRO A 458 -7.96 -19.68 -24.33
C PRO A 458 -6.82 -18.84 -24.86
N LEU A 459 -6.48 -17.75 -24.18
CA LEU A 459 -5.44 -16.95 -24.80
C LEU A 459 -4.07 -17.24 -24.18
N PRO A 460 -3.01 -17.06 -24.97
CA PRO A 460 -1.64 -17.23 -24.47
C PRO A 460 -1.32 -16.26 -23.33
N PHE A 461 -0.21 -16.57 -22.66
CA PHE A 461 0.34 -15.64 -21.67
C PHE A 461 1.18 -14.55 -22.32
N ASP A 462 1.77 -14.83 -23.47
CA ASP A 462 2.57 -13.85 -24.20
C ASP A 462 1.77 -13.33 -25.39
N LEU A 463 1.48 -12.02 -25.40
CA LEU A 463 0.58 -11.42 -26.38
C LEU A 463 1.29 -10.56 -27.42
N THR A 464 2.62 -10.48 -27.37
CA THR A 464 3.38 -9.61 -28.28
C THR A 464 3.01 -9.84 -29.74
N ASP A 465 2.92 -11.11 -30.15
CA ASP A 465 2.54 -11.37 -31.54
C ASP A 465 1.13 -10.93 -31.84
N ILE A 466 0.25 -10.96 -30.84
CA ILE A 466 -1.14 -10.61 -31.04
C ILE A 466 -1.27 -9.11 -31.21
N VAL A 467 -0.58 -8.33 -30.35
CA VAL A 467 -0.59 -6.88 -30.47
C VAL A 467 0.10 -6.45 -31.76
N SER A 468 1.22 -7.10 -32.09
CA SER A 468 1.83 -6.88 -33.39
C SER A 468 0.84 -7.12 -34.51
N GLU A 469 0.11 -8.24 -34.45
CA GLU A 469 -0.86 -8.59 -35.49
C GLU A 469 -1.92 -7.52 -35.67
N LEU A 470 -2.55 -7.13 -34.57
CA LEU A 470 -3.66 -6.18 -34.68
C LEU A 470 -3.17 -4.80 -35.08
N ARG A 471 -2.01 -4.38 -34.56
CA ARG A 471 -1.42 -3.12 -34.98
C ARG A 471 -1.06 -3.14 -36.48
N GLY A 472 -0.59 -4.28 -36.98
CA GLY A 472 -0.33 -4.43 -38.40
C GLY A 472 -1.58 -4.42 -39.24
N GLN A 473 -2.73 -4.79 -38.66
CA GLN A 473 -3.99 -4.53 -39.35
C GLN A 473 -4.29 -3.03 -39.43
N LEU A 474 -4.23 -2.33 -38.29
CA LEU A 474 -4.81 -0.99 -38.18
C LEU A 474 -4.03 0.05 -39.00
N LEU A 475 -2.70 -0.03 -39.00
CA LEU A 475 -1.88 0.91 -39.77
C LEU A 475 -1.66 0.36 -41.18
N GLU A 476 -2.76 0.33 -41.93
CA GLU A 476 -2.75 -0.08 -43.32
C GLU A 476 -3.53 0.93 -44.15
GA GA B . 6.07 8.05 7.47
C1 ASC C . 7.54 5.23 9.70
C2 ASC C . 7.14 6.29 8.73
C3 ASC C . 6.42 5.74 7.79
C4 ASC C . 6.27 4.25 8.03
C5 ASC C . 6.82 3.35 6.93
C6 ASC C . 7.85 4.03 6.02
O1 ASC C . 8.14 5.31 10.76
O2 ASC C . 7.44 7.52 8.80
O3 ASC C . 5.79 6.23 6.67
O4 ASC C . 7.03 4.06 9.27
O5 ASC C . 5.73 2.85 6.14
O6 ASC C . 7.55 3.86 4.62
#